data_4HJF
#
_entry.id   4HJF
#
_cell.length_a   62.202
_cell.length_b   63.186
_cell.length_c   66.190
_cell.angle_alpha   90.00
_cell.angle_beta   90.00
_cell.angle_gamma   90.00
#
_symmetry.space_group_name_H-M   'P 21 21 21'
#
loop_
_entity.id
_entity.type
_entity.pdbx_description
1 polymer 'GGDEF family protein'
2 non-polymer 'CALCIUM ION'
3 non-polymer "9,9'-[(2R,3R,3aS,5S,7aR,9R,10R,10aS,12S,14aR)-3,5,10,12-tetrahydroxy-5,12-dioxidooctahydro-2H,7H-difuro[3,2-d:3',2'-j][1,3,7,9,2,8]tetraoxadiphosphacyclododecine-2,9-diyl]bis(2-amino-1,9-dihydro-6H-purin-6-one)"
4 water water
#
_entity_poly.entity_id   1
_entity_poly.type   'polypeptide(L)'
_entity_poly.pdbx_seq_one_letter_code
;(MSE)HHHHHHSSGVDLGTENLYFQSNAAVSAEGGLDAPDAAELLRRAELAVEAAAAAGRGGAAAYGRA(MSE)ETDGLS
RLALEADLRGAIGRGEITPYFQPIVRLSTGALSGFEALARWIHPRRG(MSE)LPPDEFLPLIEE(MSE)GL(MSE)SELG
AH(MSE)(MSE)HAAAQQLSTWRAAHPA(MSE)GNLTVSVNLSTGEIDRPGLVADVAETLRVNRLPRGALKLEVTESDI
(MSE)RDPERAAVILKTLRDAGAGLALDDFGTGFSSLSYLTRLPFDTLKIDRYFVRT(MSE)GNNAGSAKIVRSVVKLGQ
DLDLEVVAEGVENAE(MSE)AHALQSLGCDYGQGFGYAPALSPQEAEVYLNEAYVDGAAPVKARG
;
_entity_poly.pdbx_strand_id   A
#
loop_
_chem_comp.id
_chem_comp.type
_chem_comp.name
_chem_comp.formula
C2E non-polymer 9,9'-[(2R,3R,3aS,5S,7aR,9R,10R,10aS,12S,14aR)-3,5,10,12-tetrahydroxy-5,12-dioxidooctahydro-2H,7H-difuro[3,2-d:3',2'-j][1,3,7,9,2,8]tetraoxadiphosphacyclododecine-2,9-diyl]bis(2-amino-1,9-dihydro-6H-purin-6-one) 'C20 H24 N10 O14 P2'
CA non-polymer 'CALCIUM ION' 'Ca 2'
#
# COMPACT_ATOMS: atom_id res chain seq x y z
N GLY A 70 11.09 -29.86 -2.39
CA GLY A 70 9.61 -29.81 -2.50
C GLY A 70 8.98 -29.96 -1.12
N LEU A 71 9.58 -30.80 -0.27
CA LEU A 71 9.07 -31.04 1.09
C LEU A 71 9.08 -29.76 1.95
N SER A 72 10.16 -28.98 1.89
CA SER A 72 10.21 -27.75 2.66
C SER A 72 9.10 -26.74 2.24
N ARG A 73 8.86 -26.63 0.93
CA ARG A 73 7.82 -25.80 0.35
C ARG A 73 6.43 -26.31 0.76
N LEU A 74 6.24 -27.62 0.73
CA LEU A 74 4.97 -28.28 1.14
C LEU A 74 4.72 -27.97 2.63
N ALA A 75 5.76 -28.13 3.46
CA ALA A 75 5.67 -27.84 4.93
C ALA A 75 5.25 -26.43 5.20
N LEU A 76 5.82 -25.49 4.45
CA LEU A 76 5.47 -24.11 4.58
C LEU A 76 4.02 -23.84 4.16
N GLU A 77 3.62 -24.44 3.04
CA GLU A 77 2.23 -24.33 2.56
C GLU A 77 1.23 -24.83 3.64
N ALA A 78 1.53 -25.98 4.22
CA ALA A 78 0.69 -26.52 5.29
C ALA A 78 0.59 -25.61 6.49
N ASP A 79 1.69 -24.92 6.78
CA ASP A 79 1.76 -23.97 7.93
C ASP A 79 0.70 -22.87 7.83
N LEU A 80 0.22 -22.60 6.61
CA LEU A 80 -0.79 -21.58 6.42
C LEU A 80 -2.13 -21.97 7.03
N ARG A 81 -2.30 -23.22 7.44
CA ARG A 81 -3.55 -23.59 8.09
C ARG A 81 -3.65 -22.71 9.36
N GLY A 82 -2.56 -22.60 10.08
CA GLY A 82 -2.62 -21.83 11.31
C GLY A 82 -1.87 -20.54 11.42
N ALA A 83 -1.00 -20.21 10.46
CA ALA A 83 -0.14 -19.08 10.62
C ALA A 83 -0.89 -17.76 10.65
N ILE A 84 -1.92 -17.62 9.81
CA ILE A 84 -2.62 -16.31 9.74
C ILE A 84 -3.31 -16.06 11.09
N GLY A 85 -3.97 -17.10 11.61
CA GLY A 85 -4.67 -16.99 12.90
C GLY A 85 -3.77 -16.75 14.08
N ARG A 86 -2.54 -17.24 14.00
CA ARG A 86 -1.56 -17.02 15.04
C ARG A 86 -0.94 -15.62 14.99
N GLY A 87 -1.24 -14.86 13.95
CA GLY A 87 -0.69 -13.51 13.80
C GLY A 87 0.74 -13.50 13.28
N GLU A 88 1.19 -14.63 12.70
CA GLU A 88 2.56 -14.71 12.26
C GLU A 88 2.86 -14.03 10.94
N ILE A 89 1.83 -13.73 10.19
CA ILE A 89 1.95 -12.98 8.95
C ILE A 89 1.40 -11.64 9.39
N THR A 90 2.29 -10.62 9.45
CA THR A 90 1.97 -9.38 10.09
C THR A 90 2.52 -8.19 9.32
N PRO A 91 1.92 -7.02 9.48
CA PRO A 91 2.46 -5.92 8.70
C PRO A 91 3.69 -5.28 9.24
N TYR A 92 4.64 -5.01 8.32
CA TYR A 92 5.78 -4.14 8.54
C TYR A 92 5.40 -2.86 7.76
N PHE A 93 6.06 -1.76 8.08
CA PHE A 93 5.59 -0.43 7.64
C PHE A 93 6.67 0.38 6.94
N GLN A 94 6.50 0.55 5.64
CA GLN A 94 7.46 1.30 4.89
C GLN A 94 6.99 2.76 4.80
N PRO A 95 7.85 3.71 5.20
CA PRO A 95 7.48 5.14 5.16
C PRO A 95 7.28 5.66 3.78
N ILE A 96 6.28 6.51 3.63
CA ILE A 96 5.97 7.27 2.41
C ILE A 96 6.20 8.71 2.83
N VAL A 97 7.10 9.38 2.12
CA VAL A 97 7.54 10.71 2.50
C VAL A 97 7.37 11.72 1.37
N ARG A 98 7.35 12.97 1.76
CA ARG A 98 7.34 14.10 0.85
C ARG A 98 8.82 14.24 0.44
N LEU A 99 9.08 14.17 -0.85
CA LEU A 99 10.45 14.16 -1.32
C LEU A 99 11.17 15.48 -1.06
N SER A 100 10.46 16.59 -1.24
CA SER A 100 11.13 17.90 -1.03
C SER A 100 11.77 18.00 0.35
N THR A 101 11.06 17.63 1.41
CA THR A 101 11.59 17.74 2.80
C THR A 101 11.90 16.44 3.54
N GLY A 102 11.47 15.30 3.00
CA GLY A 102 11.66 14.03 3.68
C GLY A 102 10.63 13.87 4.82
N ALA A 103 9.62 14.75 4.85
CA ALA A 103 8.58 14.65 5.93
C ALA A 103 7.71 13.40 5.75
N LEU A 104 7.37 12.76 6.84
CA LEU A 104 6.56 11.54 6.79
C LEU A 104 5.09 11.83 6.50
N SER A 105 4.52 11.15 5.53
CA SER A 105 3.10 11.32 5.20
C SER A 105 2.28 10.11 5.71
N GLY A 106 2.90 8.95 5.67
CA GLY A 106 2.21 7.70 6.00
C GLY A 106 3.13 6.52 5.80
N PHE A 107 2.53 5.33 5.92
CA PHE A 107 3.27 4.07 5.73
C PHE A 107 2.48 3.17 4.83
N GLU A 108 3.17 2.29 4.13
CA GLU A 108 2.52 1.19 3.43
C GLU A 108 2.79 -0.02 4.30
N ALA A 109 1.71 -0.73 4.64
CA ALA A 109 1.79 -1.98 5.39
C ALA A 109 2.08 -3.10 4.38
N LEU A 110 3.17 -3.80 4.62
CA LEU A 110 3.61 -4.89 3.72
C LEU A 110 3.71 -6.16 4.55
N ALA A 111 3.14 -7.24 4.03
CA ALA A 111 3.09 -8.51 4.77
C ALA A 111 4.47 -9.13 4.99
N ARG A 112 4.74 -9.58 6.22
CA ARG A 112 5.97 -10.27 6.52
C ARG A 112 5.56 -11.51 7.33
N TRP A 113 6.03 -12.69 6.94
CA TRP A 113 5.71 -13.90 7.70
C TRP A 113 6.91 -14.11 8.64
N ILE A 114 6.71 -13.83 9.92
CA ILE A 114 7.76 -14.03 10.90
C ILE A 114 7.57 -15.50 11.36
N HIS A 115 8.16 -16.41 10.60
CA HIS A 115 7.99 -17.84 10.80
C HIS A 115 8.66 -18.23 12.08
N PRO A 116 7.99 -19.07 12.89
CA PRO A 116 8.59 -19.37 14.23
C PRO A 116 9.93 -20.08 14.18
N ARG A 117 10.25 -20.69 13.04
CA ARG A 117 11.54 -21.31 12.86
C ARG A 117 12.37 -20.73 11.74
N ARG A 118 11.75 -20.38 10.61
CA ARG A 118 12.53 -19.86 9.51
C ARG A 118 12.82 -18.40 9.57
N GLY A 119 12.24 -17.70 10.52
CA GLY A 119 12.40 -16.25 10.62
C GLY A 119 11.59 -15.54 9.52
N MSE A 120 11.95 -14.29 9.25
CA MSE A 120 11.23 -13.45 8.34
C MSE A 120 11.30 -13.94 6.90
O MSE A 120 12.38 -14.17 6.35
CB MSE A 120 11.75 -12.00 8.40
CG MSE A 120 10.81 -11.20 7.58
SE MSE A 120 11.38 -9.25 7.71
CE MSE A 120 12.26 -9.37 6.04
N LEU A 121 10.11 -14.15 6.33
CA LEU A 121 9.98 -14.57 4.93
C LEU A 121 9.25 -13.44 4.19
N PRO A 122 9.67 -13.18 2.94
CA PRO A 122 9.10 -12.11 2.13
C PRO A 122 7.86 -12.58 1.34
N PRO A 123 7.02 -11.64 0.94
CA PRO A 123 5.78 -12.02 0.25
C PRO A 123 5.94 -12.78 -1.05
N ASP A 124 7.00 -12.53 -1.80
CA ASP A 124 7.18 -13.23 -3.05
C ASP A 124 7.33 -14.72 -2.75
N GLU A 125 7.79 -15.07 -1.57
CA GLU A 125 7.94 -16.48 -1.23
C GLU A 125 6.64 -17.16 -0.83
N PHE A 126 5.83 -16.47 -0.03
CA PHE A 126 4.60 -17.04 0.47
C PHE A 126 3.26 -16.65 -0.17
N LEU A 127 3.15 -15.51 -0.83
CA LEU A 127 1.84 -15.16 -1.43
C LEU A 127 1.35 -16.20 -2.44
N PRO A 128 2.26 -16.83 -3.20
CA PRO A 128 1.77 -17.87 -4.14
C PRO A 128 1.14 -19.04 -3.40
N LEU A 129 1.64 -19.32 -2.18
CA LEU A 129 1.10 -20.43 -1.38
C LEU A 129 -0.24 -20.04 -0.79
N ILE A 130 -0.37 -18.76 -0.43
CA ILE A 130 -1.63 -18.28 0.08
C ILE A 130 -2.65 -18.36 -1.04
N GLU A 131 -2.23 -18.01 -2.23
CA GLU A 131 -3.16 -18.10 -3.37
C GLU A 131 -3.59 -19.55 -3.61
N GLU A 132 -2.65 -20.46 -3.67
CA GLU A 132 -2.96 -21.89 -3.94
C GLU A 132 -3.87 -22.45 -2.89
N MSE A 133 -3.64 -22.04 -1.65
CA MSE A 133 -4.47 -22.50 -0.54
C MSE A 133 -5.80 -21.84 -0.42
O MSE A 133 -6.60 -22.22 0.46
CB MSE A 133 -3.75 -22.35 0.81
CG MSE A 133 -2.47 -23.18 0.85
SE MSE A 133 -2.94 -25.06 1.22
CE MSE A 133 -3.36 -24.89 3.14
N GLY A 134 -6.09 -20.83 -1.27
CA GLY A 134 -7.35 -20.14 -1.20
C GLY A 134 -7.57 -19.28 0.04
N LEU A 135 -6.50 -18.70 0.56
CA LEU A 135 -6.52 -17.95 1.77
C LEU A 135 -6.26 -16.44 1.61
N MSE A 136 -6.45 -15.92 0.41
N MSE A 136 -6.42 -15.93 0.40
CA MSE A 136 -6.24 -14.50 0.15
CA MSE A 136 -6.19 -14.50 0.17
C MSE A 136 -7.16 -13.62 0.97
C MSE A 136 -7.15 -13.60 0.95
O MSE A 136 -6.74 -12.55 1.45
O MSE A 136 -6.76 -12.52 1.41
CB MSE A 136 -6.43 -14.23 -1.33
CB MSE A 136 -6.15 -14.20 -1.33
CG MSE A 136 -5.28 -14.82 -2.14
CG MSE A 136 -4.95 -14.82 -2.08
SE MSE A 136 -5.33 -14.26 -4.04
SE MSE A 136 -3.21 -14.01 -1.62
CE MSE A 136 -6.88 -15.28 -4.73
CE MSE A 136 -1.83 -14.46 -2.92
N SER A 137 -8.41 -14.02 1.13
CA SER A 137 -9.37 -13.22 1.90
C SER A 137 -8.97 -13.14 3.35
N GLU A 138 -8.54 -14.29 3.88
CA GLU A 138 -8.13 -14.39 5.26
C GLU A 138 -6.91 -13.54 5.51
N LEU A 139 -5.95 -13.59 4.60
CA LEU A 139 -4.75 -12.76 4.74
C LEU A 139 -5.15 -11.29 4.70
N GLY A 140 -5.99 -10.94 3.73
CA GLY A 140 -6.43 -9.55 3.55
C GLY A 140 -7.15 -8.97 4.74
N ALA A 141 -8.02 -9.77 5.35
CA ALA A 141 -8.76 -9.33 6.54
C ALA A 141 -7.80 -9.10 7.68
N HIS A 142 -6.87 -10.05 7.91
CA HIS A 142 -5.89 -9.92 8.94
C HIS A 142 -5.05 -8.66 8.77
N MSE A 143 -4.54 -8.47 7.56
CA MSE A 143 -3.63 -7.34 7.24
C MSE A 143 -4.36 -6.03 7.45
O MSE A 143 -3.81 -5.10 8.07
CB MSE A 143 -3.05 -7.46 5.87
CG MSE A 143 -2.09 -8.65 5.72
SE MSE A 143 -0.44 -8.34 6.78
CE MSE A 143 0.13 -6.67 5.90
N MSE A 144 -5.60 -5.97 6.99
CA MSE A 144 -6.41 -4.74 7.17
C MSE A 144 -6.63 -4.47 8.63
O MSE A 144 -6.45 -3.35 9.12
CB MSE A 144 -7.76 -4.88 6.45
CG MSE A 144 -8.54 -3.60 6.56
SE MSE A 144 -10.26 -3.97 5.61
CE MSE A 144 -9.41 -4.43 3.89
N HIS A 145 -7.07 -5.47 9.40
CA HIS A 145 -7.27 -5.24 10.81
C HIS A 145 -6.03 -4.86 11.56
N ALA A 146 -4.91 -5.53 11.31
CA ALA A 146 -3.68 -5.26 11.95
C ALA A 146 -3.10 -3.87 11.66
N ALA A 147 -3.13 -3.47 10.39
CA ALA A 147 -2.66 -2.12 9.97
C ALA A 147 -3.53 -1.06 10.65
N ALA A 148 -4.83 -1.25 10.63
CA ALA A 148 -5.75 -0.28 11.20
C ALA A 148 -5.59 -0.15 12.73
N GLN A 149 -5.39 -1.28 13.39
CA GLN A 149 -5.19 -1.25 14.84
C GLN A 149 -3.89 -0.53 15.18
N GLN A 150 -2.85 -0.77 14.41
CA GLN A 150 -1.54 -0.14 14.65
C GLN A 150 -1.72 1.35 14.44
N LEU A 151 -2.45 1.75 13.39
CA LEU A 151 -2.68 3.17 13.15
C LEU A 151 -3.42 3.82 14.33
N SER A 152 -4.48 3.15 14.78
CA SER A 152 -5.24 3.66 15.92
C SER A 152 -4.36 3.82 17.19
N THR A 153 -3.48 2.85 17.43
CA THR A 153 -2.55 2.89 18.57
C THR A 153 -1.63 4.12 18.45
N TRP A 154 -1.07 4.33 17.26
CA TRP A 154 -0.21 5.50 17.01
C TRP A 154 -0.94 6.79 17.15
N ARG A 155 -2.18 6.83 16.67
CA ARG A 155 -2.95 8.07 16.77
C ARG A 155 -3.25 8.41 18.24
N ALA A 156 -3.61 7.43 19.05
CA ALA A 156 -3.92 7.64 20.48
C ALA A 156 -2.67 8.18 21.23
N ALA A 157 -1.50 7.66 20.87
CA ALA A 157 -0.21 8.08 21.45
C ALA A 157 0.29 9.46 20.96
N HIS A 158 -0.21 9.95 19.82
CA HIS A 158 0.14 11.25 19.23
C HIS A 158 -1.09 12.07 18.76
N PRO A 159 -1.97 12.45 19.68
CA PRO A 159 -3.20 13.17 19.32
C PRO A 159 -3.06 14.55 18.62
N ALA A 160 -1.91 15.19 18.73
CA ALA A 160 -1.69 16.52 18.10
C ALA A 160 -0.87 16.40 16.80
N MSE A 161 -0.60 15.17 16.37
CA MSE A 161 0.20 14.98 15.17
C MSE A 161 -0.54 15.39 13.92
O MSE A 161 -1.75 15.61 13.92
CB MSE A 161 0.58 13.49 15.18
CG MSE A 161 1.12 12.93 13.88
SE MSE A 161 1.68 11.09 14.38
CE MSE A 161 0.04 9.99 14.39
N GLY A 162 0.21 15.57 12.83
CA GLY A 162 -0.41 15.86 11.55
C GLY A 162 -1.02 14.59 11.02
N ASN A 163 -1.41 14.64 9.76
CA ASN A 163 -2.02 13.52 9.13
C ASN A 163 -0.99 12.39 9.01
N LEU A 164 -1.47 11.16 9.15
CA LEU A 164 -0.62 9.97 9.01
C LEU A 164 -1.52 8.90 8.48
N THR A 165 -1.26 8.43 7.26
CA THR A 165 -2.08 7.41 6.64
C THR A 165 -1.35 6.04 6.73
N VAL A 166 -2.12 4.98 6.71
CA VAL A 166 -1.59 3.62 6.55
C VAL A 166 -2.29 2.97 5.35
N SER A 167 -1.51 2.50 4.41
N SER A 167 -1.53 2.45 4.43
CA SER A 167 -2.02 1.84 3.21
CA SER A 167 -2.10 1.80 3.25
C SER A 167 -1.89 0.30 3.38
C SER A 167 -1.85 0.28 3.27
N VAL A 168 -2.88 -0.46 2.88
CA VAL A 168 -2.90 -1.90 2.89
C VAL A 168 -3.18 -2.42 1.49
N ASN A 169 -2.46 -3.46 1.08
CA ASN A 169 -2.67 -4.03 -0.27
C ASN A 169 -3.88 -4.93 -0.31
N LEU A 170 -4.77 -4.71 -1.28
CA LEU A 170 -6.00 -5.50 -1.34
C LEU A 170 -5.62 -6.79 -2.02
N SER A 171 -6.07 -7.90 -1.41
CA SER A 171 -5.76 -9.22 -1.95
C SER A 171 -6.50 -9.34 -3.31
N THR A 172 -5.88 -9.96 -4.30
CA THR A 172 -6.49 -10.07 -5.62
C THR A 172 -7.83 -10.81 -5.55
N GLY A 173 -8.81 -10.31 -6.27
CA GLY A 173 -10.15 -10.87 -6.22
C GLY A 173 -10.95 -10.26 -5.08
N GLU A 174 -10.31 -9.52 -4.18
CA GLU A 174 -11.03 -8.94 -3.04
C GLU A 174 -11.94 -7.84 -3.44
N ILE A 175 -11.48 -7.04 -4.39
CA ILE A 175 -12.28 -5.90 -4.79
C ILE A 175 -13.74 -6.27 -4.98
N ASP A 176 -14.01 -7.42 -5.57
CA ASP A 176 -15.39 -7.80 -5.84
C ASP A 176 -16.00 -8.86 -4.89
N ARG A 177 -15.31 -9.13 -3.79
CA ARG A 177 -15.80 -10.10 -2.79
C ARG A 177 -16.98 -9.50 -2.05
N PRO A 178 -18.05 -10.29 -1.90
CA PRO A 178 -19.21 -9.77 -1.19
C PRO A 178 -18.79 -9.53 0.24
N GLY A 179 -19.22 -8.42 0.80
CA GLY A 179 -18.82 -8.16 2.18
C GLY A 179 -17.61 -7.25 2.38
N LEU A 180 -16.80 -7.01 1.36
CA LEU A 180 -15.61 -6.17 1.51
C LEU A 180 -15.92 -4.79 2.08
N VAL A 181 -16.94 -4.11 1.53
CA VAL A 181 -17.25 -2.74 1.99
C VAL A 181 -17.62 -2.76 3.47
N ALA A 182 -18.45 -3.71 3.85
CA ALA A 182 -18.82 -3.83 5.28
C ALA A 182 -17.60 -4.13 6.15
N ASP A 183 -16.67 -4.98 5.69
CA ASP A 183 -15.47 -5.29 6.46
C ASP A 183 -14.59 -4.07 6.62
N VAL A 184 -14.49 -3.28 5.58
CA VAL A 184 -13.76 -2.04 5.65
C VAL A 184 -14.42 -1.06 6.66
N ALA A 185 -15.74 -0.92 6.54
CA ALA A 185 -16.50 -0.01 7.38
C ALA A 185 -16.34 -0.42 8.83
N GLU A 186 -16.48 -1.72 9.11
CA GLU A 186 -16.24 -2.23 10.47
C GLU A 186 -14.85 -1.82 10.98
N THR A 187 -13.83 -2.05 10.18
CA THR A 187 -12.45 -1.74 10.56
C THR A 187 -12.30 -0.24 10.90
N LEU A 188 -12.88 0.63 10.09
CA LEU A 188 -12.79 2.05 10.35
C LEU A 188 -13.51 2.43 11.63
N ARG A 189 -14.67 1.81 11.87
CA ARG A 189 -15.49 2.18 13.05
C ARG A 189 -14.81 1.72 14.33
N VAL A 190 -14.41 0.45 14.40
N VAL A 190 -14.35 0.47 14.31
CA VAL A 190 -13.84 -0.02 15.67
CA VAL A 190 -13.72 -0.18 15.47
C VAL A 190 -12.54 0.74 15.99
C VAL A 190 -12.47 0.56 15.94
N ASN A 191 -11.78 1.12 14.97
CA ASN A 191 -10.53 1.84 15.14
C ASN A 191 -10.65 3.38 15.18
N ARG A 192 -11.88 3.84 15.14
CA ARG A 192 -12.25 5.26 15.20
C ARG A 192 -11.48 6.13 14.21
N LEU A 193 -11.17 5.57 13.04
CA LEU A 193 -10.35 6.30 12.11
C LEU A 193 -11.14 7.33 11.33
N PRO A 194 -10.49 8.47 11.01
CA PRO A 194 -11.16 9.43 10.18
C PRO A 194 -11.09 9.01 8.71
N ARG A 195 -11.96 9.57 7.88
N ARG A 195 -11.96 9.58 7.89
CA ARG A 195 -12.00 9.24 6.46
CA ARG A 195 -11.97 9.29 6.46
C ARG A 195 -10.65 9.49 5.78
C ARG A 195 -10.59 9.48 5.81
N GLY A 196 -10.17 8.51 5.02
CA GLY A 196 -8.93 8.64 4.29
C GLY A 196 -7.70 8.18 5.02
N ALA A 197 -7.82 7.92 6.34
CA ALA A 197 -6.63 7.53 7.14
C ALA A 197 -6.13 6.14 6.75
N LEU A 198 -7.07 5.22 6.54
CA LEU A 198 -6.72 3.88 6.04
C LEU A 198 -6.93 3.93 4.52
N LYS A 199 -5.92 3.52 3.77
CA LYS A 199 -6.00 3.51 2.34
C LYS A 199 -5.82 2.09 1.81
N LEU A 200 -6.58 1.78 0.80
CA LEU A 200 -6.50 0.51 0.18
C LEU A 200 -5.80 0.64 -1.15
N GLU A 201 -4.76 -0.17 -1.37
CA GLU A 201 -4.02 -0.18 -2.64
C GLU A 201 -4.54 -1.37 -3.46
N VAL A 202 -5.16 -1.05 -4.58
CA VAL A 202 -5.81 -2.01 -5.47
C VAL A 202 -4.98 -2.17 -6.75
N THR A 203 -4.78 -3.43 -7.17
CA THR A 203 -3.94 -3.72 -8.32
C THR A 203 -4.69 -3.49 -9.64
N GLU A 204 -3.93 -3.08 -10.65
CA GLU A 204 -4.47 -2.86 -11.98
C GLU A 204 -5.26 -4.07 -12.45
N SER A 205 -4.71 -5.30 -12.31
CA SER A 205 -5.45 -6.46 -12.78
C SER A 205 -6.83 -6.59 -12.13
N ASP A 206 -6.90 -6.29 -10.84
CA ASP A 206 -8.16 -6.45 -10.12
C ASP A 206 -9.17 -5.43 -10.63
N ILE A 207 -8.72 -4.20 -10.83
CA ILE A 207 -9.58 -3.13 -11.30
C ILE A 207 -10.02 -3.31 -12.75
N MSE A 208 -9.04 -3.59 -13.61
CA MSE A 208 -9.23 -3.67 -15.08
C MSE A 208 -9.87 -4.95 -15.57
O MSE A 208 -10.27 -5.04 -16.75
CB MSE A 208 -7.96 -3.27 -15.77
CG MSE A 208 -7.43 -1.87 -15.38
SE MSE A 208 -8.79 -0.41 -15.71
CE MSE A 208 -8.95 -0.56 -17.66
N ARG A 209 -9.98 -5.93 -14.68
CA ARG A 209 -10.70 -7.16 -15.04
C ARG A 209 -12.14 -6.78 -15.43
N ASP A 210 -12.67 -5.68 -14.87
CA ASP A 210 -14.03 -5.21 -15.16
C ASP A 210 -14.13 -3.82 -14.63
N PRO A 211 -13.62 -2.84 -15.41
CA PRO A 211 -13.53 -1.48 -14.85
C PRO A 211 -14.83 -0.78 -14.44
N GLU A 212 -15.93 -1.03 -15.14
CA GLU A 212 -17.20 -0.40 -14.73
C GLU A 212 -17.64 -0.92 -13.37
N ARG A 213 -17.52 -2.23 -13.13
CA ARG A 213 -17.88 -2.80 -11.81
C ARG A 213 -16.95 -2.17 -10.75
N ALA A 214 -15.66 -2.10 -11.10
CA ALA A 214 -14.70 -1.53 -10.13
C ALA A 214 -15.01 -0.08 -9.76
N ALA A 215 -15.45 0.71 -10.73
CA ALA A 215 -15.78 2.09 -10.49
C ALA A 215 -16.81 2.26 -9.39
N VAL A 216 -17.83 1.38 -9.39
CA VAL A 216 -18.88 1.44 -8.42
C VAL A 216 -18.36 1.02 -7.04
N ILE A 217 -17.66 -0.11 -6.96
CA ILE A 217 -17.11 -0.60 -5.68
C ILE A 217 -16.16 0.45 -5.08
N LEU A 218 -15.33 1.10 -5.92
CA LEU A 218 -14.42 2.14 -5.44
C LEU A 218 -15.19 3.31 -4.84
N LYS A 219 -16.29 3.67 -5.48
CA LYS A 219 -17.08 4.76 -4.94
C LYS A 219 -17.65 4.32 -3.59
N THR A 220 -18.08 3.07 -3.49
CA THR A 220 -18.65 2.62 -2.23
C THR A 220 -17.61 2.61 -1.12
N LEU A 221 -16.36 2.26 -1.46
CA LEU A 221 -15.27 2.22 -0.48
C LEU A 221 -14.90 3.63 -0.01
N ARG A 222 -14.83 4.56 -0.95
CA ARG A 222 -14.60 5.96 -0.64
C ARG A 222 -15.70 6.50 0.27
N ASP A 223 -16.95 6.22 -0.06
CA ASP A 223 -18.07 6.67 0.76
C ASP A 223 -17.99 6.06 2.14
N ALA A 224 -17.46 4.83 2.28
CA ALA A 224 -17.36 4.18 3.60
C ALA A 224 -16.23 4.80 4.44
N GLY A 225 -15.30 5.49 3.78
CA GLY A 225 -14.25 6.17 4.46
C GLY A 225 -12.84 5.75 4.10
N ALA A 226 -12.67 4.83 3.15
CA ALA A 226 -11.33 4.42 2.79
C ALA A 226 -10.69 5.35 1.79
N GLY A 227 -9.39 5.55 1.90
CA GLY A 227 -8.62 6.21 0.86
C GLY A 227 -8.33 5.09 -0.15
N LEU A 228 -7.96 5.48 -1.38
CA LEU A 228 -7.79 4.50 -2.42
C LEU A 228 -6.60 4.82 -3.32
N ALA A 229 -5.76 3.81 -3.60
CA ALA A 229 -4.63 3.96 -4.47
C ALA A 229 -4.64 2.89 -5.56
N LEU A 230 -4.16 3.30 -6.75
CA LEU A 230 -3.96 2.38 -7.84
C LEU A 230 -2.54 1.93 -7.76
N ASP A 231 -2.37 0.62 -7.64
CA ASP A 231 -1.08 0.02 -7.55
C ASP A 231 -0.86 -0.76 -8.85
N ASP A 232 0.41 -0.92 -9.16
CA ASP A 232 0.87 -1.72 -10.25
C ASP A 232 0.40 -1.29 -11.64
N PHE A 233 0.27 0.01 -11.94
CA PHE A 233 -0.09 0.37 -13.31
C PHE A 233 1.12 -0.17 -14.12
N GLY A 234 0.80 -0.57 -15.32
CA GLY A 234 1.78 -1.11 -16.25
C GLY A 234 1.77 -2.60 -16.26
N THR A 235 0.86 -3.21 -15.52
CA THR A 235 0.73 -4.68 -15.50
C THR A 235 0.43 -5.20 -16.92
N GLY A 236 -0.40 -4.44 -17.66
CA GLY A 236 -0.80 -4.84 -19.02
C GLY A 236 -2.24 -4.54 -19.42
N PHE A 237 -3.02 -3.83 -18.58
CA PHE A 237 -4.45 -3.54 -18.87
C PHE A 237 -4.79 -2.12 -19.32
N SER A 238 -3.79 -1.25 -19.44
CA SER A 238 -4.01 0.11 -19.92
C SER A 238 -4.90 0.94 -18.99
N SER A 239 -4.68 0.80 -17.70
CA SER A 239 -5.44 1.53 -16.71
C SER A 239 -5.28 3.05 -16.86
N LEU A 240 -4.14 3.54 -17.36
CA LEU A 240 -3.93 5.00 -17.43
C LEU A 240 -5.01 5.72 -18.20
N SER A 241 -5.50 5.11 -19.26
CA SER A 241 -6.54 5.72 -20.08
C SER A 241 -7.96 5.57 -19.50
N TYR A 242 -8.15 4.84 -18.40
CA TYR A 242 -9.44 4.68 -17.76
C TYR A 242 -9.47 5.47 -16.43
N LEU A 243 -8.29 5.93 -15.97
CA LEU A 243 -8.08 6.54 -14.65
C LEU A 243 -9.00 7.73 -14.42
N THR A 244 -9.31 8.48 -15.49
CA THR A 244 -10.20 9.62 -15.35
C THR A 244 -11.58 9.23 -14.82
N ARG A 245 -11.97 7.97 -15.06
CA ARG A 245 -13.26 7.42 -14.64
C ARG A 245 -13.29 6.55 -13.37
N LEU A 246 -12.14 6.42 -12.68
CA LEU A 246 -12.07 5.58 -11.50
C LEU A 246 -11.71 6.51 -10.36
N PRO A 247 -12.48 6.48 -9.24
CA PRO A 247 -12.24 7.46 -8.16
C PRO A 247 -11.09 7.20 -7.17
N PHE A 248 -9.89 7.04 -7.67
CA PHE A 248 -8.73 6.90 -6.77
C PHE A 248 -8.30 8.23 -6.25
N ASP A 249 -7.57 8.28 -5.13
CA ASP A 249 -6.97 9.53 -4.74
C ASP A 249 -5.45 9.50 -4.89
N THR A 250 -4.88 8.33 -5.11
CA THR A 250 -3.45 8.13 -5.21
C THR A 250 -3.10 7.19 -6.32
N LEU A 251 -2.02 7.53 -7.02
CA LEU A 251 -1.47 6.66 -8.07
C LEU A 251 -0.03 6.31 -7.70
N LYS A 252 0.34 5.04 -7.73
CA LYS A 252 1.70 4.70 -7.44
C LYS A 252 2.51 4.38 -8.68
N ILE A 253 3.76 4.85 -8.73
CA ILE A 253 4.62 4.54 -9.83
C ILE A 253 5.50 3.35 -9.44
N ASP A 254 5.37 2.26 -10.18
CA ASP A 254 6.14 1.05 -9.91
C ASP A 254 7.62 1.31 -9.94
N ARG A 255 8.34 0.67 -9.02
CA ARG A 255 9.77 0.85 -8.94
C ARG A 255 10.53 0.54 -10.22
N TYR A 256 10.00 -0.31 -11.09
CA TYR A 256 10.65 -0.56 -12.37
C TYR A 256 10.85 0.77 -13.13
N PHE A 257 9.80 1.59 -13.23
CA PHE A 257 9.90 2.86 -13.95
C PHE A 257 10.87 3.80 -13.27
N VAL A 258 10.81 3.85 -11.94
CA VAL A 258 11.67 4.74 -11.16
C VAL A 258 13.15 4.36 -11.31
N ARG A 259 13.45 3.07 -11.30
CA ARG A 259 14.80 2.54 -11.45
C ARG A 259 15.34 2.75 -12.87
N THR A 260 14.48 2.65 -13.88
CA THR A 260 14.94 2.76 -15.27
C THR A 260 14.81 4.13 -15.95
N MSE A 261 14.15 5.11 -15.33
CA MSE A 261 13.99 6.40 -15.97
C MSE A 261 15.30 7.13 -16.26
O MSE A 261 15.36 7.94 -17.22
CB MSE A 261 13.13 7.33 -15.16
CG MSE A 261 13.75 7.65 -13.80
SE MSE A 261 12.49 8.78 -12.75
CE MSE A 261 13.77 8.81 -11.23
N GLY A 262 16.33 6.83 -15.48
CA GLY A 262 17.65 7.49 -15.67
C GLY A 262 18.32 7.09 -16.97
N ASN A 263 18.19 5.82 -17.34
CA ASN A 263 18.81 5.29 -18.56
C ASN A 263 17.91 5.00 -19.74
N ASN A 264 16.61 5.04 -19.53
CA ASN A 264 15.69 4.74 -20.62
C ASN A 264 14.65 5.82 -20.85
N ALA A 265 14.62 6.33 -22.07
CA ALA A 265 13.70 7.40 -22.46
C ALA A 265 12.23 7.06 -22.34
N GLY A 266 11.85 5.82 -22.61
CA GLY A 266 10.50 5.40 -22.46
C GLY A 266 10.03 5.50 -21.01
N SER A 267 10.82 4.94 -20.10
CA SER A 267 10.44 5.01 -18.68
C SER A 267 10.39 6.46 -18.17
N ALA A 268 11.36 7.26 -18.60
CA ALA A 268 11.39 8.69 -18.22
C ALA A 268 10.10 9.30 -18.72
N LYS A 269 9.70 8.95 -19.94
CA LYS A 269 8.47 9.50 -20.49
C LYS A 269 7.22 9.09 -19.70
N ILE A 270 7.16 7.82 -19.26
CA ILE A 270 6.04 7.36 -18.50
C ILE A 270 5.94 8.12 -17.16
N VAL A 271 7.04 8.24 -16.45
CA VAL A 271 7.04 8.98 -15.16
C VAL A 271 6.63 10.42 -15.34
N ARG A 272 7.16 11.13 -16.36
CA ARG A 272 6.76 12.55 -16.57
C ARG A 272 5.27 12.65 -16.86
N SER A 273 4.79 11.74 -17.72
CA SER A 273 3.39 11.72 -18.12
C SER A 273 2.40 11.40 -16.99
N VAL A 274 2.76 10.45 -16.12
CA VAL A 274 1.94 10.08 -15.00
C VAL A 274 1.88 11.19 -13.97
N VAL A 275 2.98 11.90 -13.79
CA VAL A 275 2.97 13.07 -12.88
C VAL A 275 1.99 14.12 -13.41
N LYS A 276 2.00 14.33 -14.71
CA LYS A 276 1.11 15.27 -15.34
C LYS A 276 -0.36 14.83 -15.22
N LEU A 277 -0.63 13.57 -15.47
CA LEU A 277 -2.00 13.04 -15.37
C LEU A 277 -2.46 13.20 -13.95
N GLY A 278 -1.54 12.99 -13.00
CA GLY A 278 -1.87 13.12 -11.59
C GLY A 278 -2.31 14.55 -11.29
N GLN A 279 -1.56 15.51 -11.81
CA GLN A 279 -1.90 16.92 -11.59
C GLN A 279 -3.25 17.23 -12.24
N ASP A 280 -3.46 16.75 -13.46
CA ASP A 280 -4.70 17.03 -14.19
C ASP A 280 -5.90 16.31 -13.66
N LEU A 281 -5.71 15.18 -12.97
CA LEU A 281 -6.83 14.45 -12.40
C LEU A 281 -6.91 14.72 -10.91
N ASP A 282 -5.97 15.52 -10.39
CA ASP A 282 -5.91 15.85 -8.98
C ASP A 282 -5.65 14.62 -8.04
N LEU A 283 -4.75 13.74 -8.48
CA LEU A 283 -4.34 12.58 -7.70
C LEU A 283 -3.00 12.77 -7.07
N GLU A 284 -2.76 12.17 -5.91
CA GLU A 284 -1.41 12.21 -5.33
C GLU A 284 -0.61 11.14 -6.08
N VAL A 285 0.60 11.48 -6.46
CA VAL A 285 1.46 10.53 -7.18
C VAL A 285 2.62 10.16 -6.23
N VAL A 286 2.79 8.85 -6.03
CA VAL A 286 3.83 8.29 -5.14
C VAL A 286 4.78 7.41 -5.95
N ALA A 287 6.03 7.81 -5.96
CA ALA A 287 7.09 7.01 -6.62
C ALA A 287 7.58 5.93 -5.69
N GLU A 288 7.61 4.69 -6.17
CA GLU A 288 8.13 3.56 -5.37
C GLU A 288 9.55 3.27 -5.79
N GLY A 289 10.31 2.71 -4.87
CA GLY A 289 11.67 2.35 -5.16
C GLY A 289 12.65 3.47 -5.25
N VAL A 290 12.48 4.51 -4.42
CA VAL A 290 13.39 5.64 -4.39
C VAL A 290 14.59 5.19 -3.52
N GLU A 291 15.64 4.76 -4.23
CA GLU A 291 16.79 4.12 -3.61
C GLU A 291 17.83 5.08 -3.07
N ASN A 292 17.82 6.34 -3.53
CA ASN A 292 18.86 7.26 -3.14
C ASN A 292 18.49 8.71 -3.43
N ALA A 293 19.40 9.60 -3.06
CA ALA A 293 19.14 11.05 -3.16
C ALA A 293 19.00 11.53 -4.58
N GLU A 294 19.75 10.96 -5.51
CA GLU A 294 19.64 11.38 -6.90
C GLU A 294 18.29 11.00 -7.55
N MSE A 295 17.74 9.84 -7.20
CA MSE A 295 16.43 9.48 -7.75
C MSE A 295 15.40 10.42 -7.15
O MSE A 295 14.49 10.91 -7.85
CB MSE A 295 16.13 8.04 -7.40
CG MSE A 295 16.72 7.03 -8.40
SE MSE A 295 15.99 5.24 -7.89
CE MSE A 295 17.68 4.24 -8.13
N ALA A 296 15.53 10.74 -5.87
CA ALA A 296 14.59 11.63 -5.18
C ALA A 296 14.60 13.03 -5.82
N HIS A 297 15.76 13.60 -6.08
CA HIS A 297 15.83 14.91 -6.77
C HIS A 297 15.35 14.86 -8.19
N ALA A 298 15.63 13.78 -8.92
CA ALA A 298 15.15 13.64 -10.30
C ALA A 298 13.64 13.63 -10.31
N LEU A 299 13.03 12.91 -9.38
CA LEU A 299 11.57 12.85 -9.27
C LEU A 299 10.97 14.19 -8.92
N GLN A 300 11.56 14.89 -7.95
CA GLN A 300 11.07 16.21 -7.55
C GLN A 300 11.10 17.21 -8.67
N SER A 301 12.08 17.12 -9.54
CA SER A 301 12.20 18.07 -10.67
C SER A 301 11.07 17.83 -11.63
N LEU A 302 10.68 16.56 -11.76
CA LEU A 302 9.59 16.20 -12.65
C LEU A 302 8.21 16.48 -12.08
N GLY A 303 8.14 16.94 -10.84
CA GLY A 303 6.88 17.27 -10.19
C GLY A 303 6.30 16.20 -9.29
N CYS A 304 7.06 15.12 -9.08
CA CYS A 304 6.64 14.04 -8.16
C CYS A 304 7.09 14.48 -6.78
N ASP A 305 6.14 14.60 -5.91
CA ASP A 305 6.35 15.08 -4.57
C ASP A 305 6.40 14.02 -3.47
N TYR A 306 5.96 12.79 -3.73
CA TYR A 306 5.99 11.73 -2.73
C TYR A 306 6.75 10.52 -3.16
N GLY A 307 7.36 9.86 -2.21
CA GLY A 307 8.10 8.66 -2.53
C GLY A 307 8.25 7.68 -1.37
N GLN A 308 8.61 6.45 -1.72
CA GLN A 308 8.90 5.42 -0.73
C GLN A 308 10.06 4.68 -1.35
N GLY A 309 10.98 4.23 -0.52
CA GLY A 309 12.10 3.43 -1.01
C GLY A 309 13.19 3.27 0.00
N PHE A 310 14.17 2.42 -0.36
CA PHE A 310 15.25 2.15 0.51
C PHE A 310 16.19 3.34 0.81
N GLY A 311 16.08 4.41 0.02
CA GLY A 311 16.80 5.59 0.26
C GLY A 311 16.26 6.22 1.56
N TYR A 312 15.07 5.84 2.00
CA TYR A 312 14.46 6.34 3.23
C TYR A 312 14.47 5.26 4.28
N ALA A 313 13.73 4.19 4.04
CA ALA A 313 13.67 3.03 4.91
C ALA A 313 12.93 1.90 4.22
N PRO A 314 13.24 0.63 4.55
CA PRO A 314 12.44 -0.46 4.05
C PRO A 314 11.19 -0.56 4.90
N ALA A 315 10.43 -1.65 4.75
CA ALA A 315 9.26 -1.91 5.58
C ALA A 315 9.82 -2.22 6.98
N LEU A 316 9.50 -1.36 7.91
CA LEU A 316 10.03 -1.45 9.27
C LEU A 316 9.14 -2.24 10.22
N SER A 317 9.76 -2.86 11.24
CA SER A 317 8.96 -3.52 12.27
C SER A 317 8.19 -2.40 12.97
N PRO A 318 7.08 -2.74 13.63
CA PRO A 318 6.32 -1.70 14.33
C PRO A 318 7.12 -0.89 15.33
N GLN A 319 8.06 -1.51 16.03
CA GLN A 319 8.86 -0.79 17.02
C GLN A 319 9.76 0.26 16.36
N GLU A 320 10.34 -0.11 15.22
CA GLU A 320 11.15 0.83 14.47
C GLU A 320 10.30 1.96 13.83
N ALA A 321 9.09 1.60 13.34
CA ALA A 321 8.20 2.54 12.69
C ALA A 321 7.76 3.62 13.69
N GLU A 322 7.56 3.18 14.91
CA GLU A 322 7.14 4.11 15.97
C GLU A 322 8.18 5.19 16.24
N VAL A 323 9.45 4.78 16.28
CA VAL A 323 10.55 5.70 16.47
C VAL A 323 10.60 6.65 15.31
N TYR A 324 10.46 6.08 14.10
CA TYR A 324 10.49 6.82 12.89
C TYR A 324 9.39 7.88 12.88
N LEU A 325 8.18 7.50 13.22
CA LEU A 325 7.08 8.48 13.17
C LEU A 325 7.22 9.53 14.27
N ASN A 326 7.62 9.08 15.42
CA ASN A 326 7.81 10.01 16.54
C ASN A 326 8.90 11.08 16.23
N GLU A 327 9.97 10.65 15.60
CA GLU A 327 11.03 11.57 15.21
C GLU A 327 10.47 12.57 14.21
N ALA A 328 9.63 12.10 13.29
CA ALA A 328 8.95 13.00 12.32
C ALA A 328 8.02 13.97 13.08
N TYR A 329 7.25 13.45 14.05
CA TYR A 329 6.36 14.31 14.84
C TYR A 329 7.19 15.35 15.65
N VAL A 330 8.30 14.94 16.26
CA VAL A 330 9.15 15.87 17.05
C VAL A 330 9.73 16.99 16.17
N ASP A 331 10.10 16.69 14.92
CA ASP A 331 10.68 17.80 14.13
C ASP A 331 9.65 18.47 13.17
N GLY A 332 8.36 18.19 13.37
CA GLY A 332 7.32 18.78 12.54
C GLY A 332 7.03 20.23 12.91
CA CA B . 1.38 -1.67 -2.81
CA CA C . 3.49 -1.17 -6.30
CA CA C . 3.85 -1.78 -7.90
P1 C2E D . 7.60 -6.57 -0.75
O2P C2E D . 8.52 -7.74 -1.02
O1P C2E D . 7.36 -6.11 0.63
O5' C2E D . 6.19 -6.91 -1.42
C5' C2E D . 6.12 -7.43 -2.73
C4' C2E D . 4.72 -7.40 -3.21
O4' C2E D . 3.94 -8.39 -2.48
C3' C2E D . 3.95 -6.12 -3.09
O3' C2E D . 4.34 -5.18 -4.11
C2' C2E D . 2.49 -6.60 -3.16
O2' C2E D . 2.16 -6.79 -4.53
C1' C2E D . 2.56 -7.92 -2.39
N9 C2E D . 2.17 -7.74 -1.00
C8 C2E D . 2.95 -7.30 0.02
N7 C2E D . 2.23 -7.24 1.17
C5 C2E D . 0.99 -7.65 0.87
C6 C2E D . -0.26 -7.85 1.60
O6 C2E D . -0.35 -7.57 2.78
N1 C2E D . -1.30 -8.34 0.90
C2 C2E D . -1.24 -8.61 -0.41
N2 C2E D . -2.29 -9.11 -1.04
N3 C2E D . -0.13 -8.49 -1.18
C4 C2E D . 0.98 -8.02 -0.55
P11 C2E D . 3.99 -3.61 -3.87
O21 C2E D . 4.44 -2.99 -5.16
O11 C2E D . 2.57 -3.42 -3.35
O5A C2E D . 4.94 -3.14 -2.73
C5A C2E D . 6.22 -2.51 -2.97
C4A C2E D . 7.40 -3.49 -2.91
O4A C2E D . 8.65 -2.77 -3.30
C3A C2E D . 7.69 -4.06 -1.51
O3A C2E D . 8.20 -5.39 -1.65
C2A C2E D . 8.80 -3.12 -1.01
O2A C2E D . 9.59 -3.68 0.02
C1A C2E D . 9.60 -2.93 -2.29
N91 C2E D . 10.48 -1.75 -2.24
C81 C2E D . 10.17 -0.55 -1.74
N71 C2E D . 11.20 0.35 -1.91
C51 C2E D . 12.15 -0.38 -2.54
C61 C2E D . 13.47 -0.05 -3.00
O61 C2E D . 13.87 1.09 -2.81
N11 C2E D . 14.12 -1.03 -3.62
C21 C2E D . 13.62 -2.27 -3.84
N21 C2E D . 14.40 -3.18 -4.49
N31 C2E D . 12.40 -2.67 -3.42
C41 C2E D . 11.66 -1.73 -2.79
#